data_3E97
#
_entry.id   3E97
#
_cell.length_a   68.000
_cell.length_b   68.000
_cell.length_c   111.450
_cell.angle_alpha   90.000
_cell.angle_beta   90.000
_cell.angle_gamma   90.000
#
_symmetry.space_group_name_H-M   'P 41 21 2'
#
loop_
_entity.id
_entity.type
_entity.pdbx_description
1 polymer 'Transcriptional regulator, Crp/Fnr family'
2 non-polymer 1,2-ETHANEDIOL
3 water water
#
_entity_poly.entity_id   1
_entity_poly.type   'polypeptide(L)'
_entity_poly.pdbx_seq_one_letter_code
;GVGRLDDLKRSPLFQNVPEDA(MSE)REALKVVTERNFQPDELVVEQDAEGEALHLVTTGVVRVSRVSLGGRERVLGDIY
APGVVGETAVLAHQERSASVRALTPVRTL(MSE)LHREHFELILRRHPRVLWNLAE(MSE)LARRVTFLNDELIAFGQNT
EAALTHVFANLYRQRLAAGVPQPEVLPLGTQDI(MSE)ARTSSSRETVSRVLKRLEAHNILEVSPRSVTLLDLAALEALS
FEGAETD
;
_entity_poly.pdbx_strand_id   A
#
# COMPACT_ATOMS: atom_id res chain seq x y z
N GLY A 1 -13.77 5.37 16.33
CA GLY A 1 -15.17 5.84 16.19
C GLY A 1 -15.89 5.31 14.95
N VAL A 2 -17.21 5.42 14.94
CA VAL A 2 -18.02 4.97 13.80
C VAL A 2 -17.58 5.79 12.57
N GLY A 3 -17.90 5.30 11.37
CA GLY A 3 -17.54 6.01 10.16
C GLY A 3 -18.08 7.44 10.10
N ARG A 4 -17.20 8.37 9.73
CA ARG A 4 -17.60 9.76 9.55
CA ARG A 4 -17.52 9.80 9.57
C ARG A 4 -17.39 10.13 8.11
N LEU A 5 -18.04 11.21 7.70
CA LEU A 5 -17.93 11.69 6.34
C LEU A 5 -16.45 12.10 6.09
N ASP A 6 -15.75 12.53 7.14
CA ASP A 6 -14.34 12.93 7.08
C ASP A 6 -13.47 11.79 6.51
N ASP A 7 -13.72 10.59 6.98
CA ASP A 7 -13.03 9.38 6.51
C ASP A 7 -13.18 9.18 5.03
N LEU A 8 -14.39 9.35 4.51
CA LEU A 8 -14.65 9.15 3.09
C LEU A 8 -14.13 10.31 2.24
N LYS A 9 -14.23 11.54 2.75
CA LYS A 9 -13.72 12.68 2.02
C LYS A 9 -12.22 12.55 1.72
N ARG A 10 -11.50 11.91 2.64
CA ARG A 10 -10.07 11.70 2.51
C ARG A 10 -9.68 10.44 1.75
N SER A 11 -10.64 9.55 1.51
CA SER A 11 -10.37 8.29 0.82
C SER A 11 -10.14 8.49 -0.68
N PRO A 12 -9.11 7.82 -1.23
CA PRO A 12 -8.92 7.95 -2.68
C PRO A 12 -10.16 7.54 -3.47
N LEU A 13 -10.94 6.58 -2.95
CA LEU A 13 -12.16 6.11 -3.63
C LEU A 13 -13.25 7.19 -3.74
N PHE A 14 -13.23 8.16 -2.83
CA PHE A 14 -14.27 9.19 -2.81
C PHE A 14 -13.86 10.63 -3.10
N GLN A 15 -12.74 10.83 -3.80
CA GLN A 15 -12.29 12.16 -4.16
CA GLN A 15 -12.27 12.16 -4.18
C GLN A 15 -13.22 12.79 -5.19
N ASN A 16 -13.65 14.03 -4.91
CA ASN A 16 -14.59 14.76 -5.79
C ASN A 16 -15.85 13.98 -6.15
N VAL A 17 -16.37 13.18 -5.23
CA VAL A 17 -17.59 12.42 -5.43
CA VAL A 17 -17.60 12.47 -5.49
C VAL A 17 -18.72 13.21 -4.75
N PRO A 18 -19.95 13.16 -5.30
CA PRO A 18 -21.01 13.91 -4.63
C PRO A 18 -21.28 13.47 -3.21
N GLU A 19 -21.59 14.43 -2.36
CA GLU A 19 -21.90 14.16 -0.98
C GLU A 19 -22.90 13.01 -0.76
N ASP A 20 -23.94 12.89 -1.58
CA ASP A 20 -24.93 11.81 -1.39
C ASP A 20 -24.35 10.39 -1.57
N ALA A 21 -23.34 10.26 -2.42
CA ALA A 21 -22.65 8.99 -2.62
C ALA A 21 -21.94 8.61 -1.34
N ARG A 23 -22.65 9.64 1.71
CA ARG A 23 -23.61 9.32 2.76
C ARG A 23 -24.26 7.97 2.56
N GLU A 24 -24.48 7.56 1.31
CA GLU A 24 -24.97 6.20 1.04
C GLU A 24 -23.95 5.16 1.53
N ALA A 25 -22.67 5.43 1.30
CA ALA A 25 -21.61 4.52 1.74
C ALA A 25 -21.56 4.40 3.26
N LEU A 26 -21.71 5.53 3.92
CA LEU A 26 -21.66 5.57 5.38
C LEU A 26 -22.70 4.69 6.05
N LYS A 27 -23.86 4.51 5.41
CA LYS A 27 -24.92 3.65 5.99
C LYS A 27 -24.55 2.19 6.01
N VAL A 28 -23.61 1.78 5.15
CA VAL A 28 -23.22 0.37 5.02
C VAL A 28 -21.77 0.00 5.41
N VAL A 29 -21.05 0.90 6.08
CA VAL A 29 -19.69 0.57 6.52
C VAL A 29 -19.72 0.24 8.01
N THR A 30 -18.73 -0.53 8.44
CA THR A 30 -18.57 -0.93 9.83
CA THR A 30 -18.58 -0.87 9.85
C THR A 30 -17.14 -0.64 10.27
N GLU A 31 -16.97 0.04 11.39
CA GLU A 31 -15.65 0.33 11.91
C GLU A 31 -15.04 -0.96 12.43
N ARG A 32 -13.75 -1.16 12.10
CA ARG A 32 -12.98 -2.32 12.53
C ARG A 32 -11.58 -1.82 12.90
N ASN A 33 -11.11 -2.16 14.09
CA ASN A 33 -9.78 -1.71 14.53
C ASN A 33 -8.84 -2.87 14.67
N PHE A 34 -7.57 -2.65 14.30
CA PHE A 34 -6.56 -3.67 14.36
C PHE A 34 -5.32 -3.13 15.07
N GLN A 35 -4.69 -4.00 15.84
CA GLN A 35 -3.48 -3.66 16.55
C GLN A 35 -2.29 -4.13 15.73
N PRO A 36 -1.09 -3.62 16.03
CA PRO A 36 0.07 -4.05 15.24
C PRO A 36 0.19 -5.58 15.15
N ASP A 37 0.48 -6.06 13.93
CA ASP A 37 0.66 -7.48 13.61
C ASP A 37 -0.60 -8.30 13.43
N GLU A 38 -1.78 -7.69 13.64
CA GLU A 38 -3.04 -8.39 13.43
C GLU A 38 -3.40 -8.37 11.94
N LEU A 39 -4.03 -9.44 11.49
CA LEU A 39 -4.51 -9.57 10.13
C LEU A 39 -5.79 -8.75 9.92
N VAL A 40 -5.80 -7.94 8.85
CA VAL A 40 -6.98 -7.16 8.43
C VAL A 40 -7.85 -8.11 7.59
N VAL A 41 -8.97 -8.51 8.18
CA VAL A 41 -9.91 -9.46 7.60
C VAL A 41 -11.21 -9.34 8.38
N GLU A 42 -12.31 -9.68 7.71
CA GLU A 42 -13.64 -9.74 8.29
C GLU A 42 -13.98 -11.23 8.34
N GLN A 43 -14.28 -11.73 9.54
CA GLN A 43 -14.63 -13.15 9.68
C GLN A 43 -15.90 -13.40 8.86
N ASP A 44 -15.89 -14.50 8.09
CA ASP A 44 -17.02 -14.90 7.22
C ASP A 44 -17.12 -14.12 5.88
N ALA A 45 -16.16 -13.22 5.64
CA ALA A 45 -16.11 -12.45 4.38
C ALA A 45 -14.64 -12.34 3.97
N GLU A 46 -13.96 -13.48 4.10
CA GLU A 46 -12.54 -13.63 3.79
C GLU A 46 -12.38 -13.51 2.28
N GLY A 47 -11.52 -12.60 1.83
CA GLY A 47 -11.28 -12.40 0.40
C GLY A 47 -12.35 -11.62 -0.34
N GLU A 48 -13.43 -11.25 0.34
CA GLU A 48 -14.54 -10.54 -0.27
C GLU A 48 -14.59 -9.05 0.07
N ALA A 49 -14.69 -8.77 1.38
CA ALA A 49 -14.90 -7.42 1.89
C ALA A 49 -13.79 -6.46 1.54
N LEU A 50 -14.16 -5.19 1.44
CA LEU A 50 -13.25 -4.08 1.17
C LEU A 50 -13.01 -3.33 2.50
N HIS A 51 -11.80 -2.81 2.67
CA HIS A 51 -11.45 -2.05 3.87
C HIS A 51 -10.85 -0.72 3.46
N LEU A 52 -11.45 0.36 3.92
CA LEU A 52 -10.89 1.68 3.74
C LEU A 52 -9.93 1.83 4.92
N VAL A 53 -8.66 2.06 4.65
CA VAL A 53 -7.63 2.20 5.67
C VAL A 53 -7.57 3.67 6.04
N THR A 54 -8.12 4.02 7.21
CA THR A 54 -8.27 5.43 7.62
C THR A 54 -7.12 5.96 8.47
N THR A 55 -6.42 5.07 9.17
CA THR A 55 -5.23 5.43 9.95
C THR A 55 -4.22 4.30 9.85
N GLY A 56 -2.96 4.60 10.04
CA GLY A 56 -1.97 3.56 10.11
C GLY A 56 -1.42 3.10 8.79
N VAL A 57 -0.79 1.95 8.86
CA VAL A 57 -0.12 1.34 7.73
C VAL A 57 -0.32 -0.16 7.77
N VAL A 58 -0.61 -0.72 6.60
CA VAL A 58 -0.75 -2.15 6.44
C VAL A 58 0.27 -2.70 5.42
N ARG A 59 0.58 -3.97 5.55
CA ARG A 59 1.49 -4.67 4.64
C ARG A 59 0.72 -5.74 3.92
N VAL A 60 0.85 -5.78 2.60
CA VAL A 60 0.15 -6.75 1.77
C VAL A 60 1.15 -7.80 1.29
N SER A 61 0.79 -9.07 1.44
CA SER A 61 1.64 -10.18 1.06
CA SER A 61 1.66 -10.14 0.99
C SER A 61 0.86 -11.31 0.44
N ARG A 62 1.58 -12.23 -0.18
CA ARG A 62 1.03 -13.48 -0.69
C ARG A 62 1.99 -14.50 -0.09
N VAL A 63 1.44 -15.49 0.62
CA VAL A 63 2.27 -16.55 1.19
C VAL A 63 1.99 -17.85 0.43
N SER A 64 3.06 -18.54 0.07
CA SER A 64 2.97 -19.81 -0.65
C SER A 64 2.49 -20.90 0.29
N LEU A 65 1.99 -22.00 -0.28
CA LEU A 65 1.46 -23.12 0.51
C LEU A 65 2.45 -23.59 1.57
N ARG A 68 6.44 -19.40 2.62
CA ARG A 68 7.31 -18.35 2.06
C ARG A 68 6.51 -17.12 1.63
N GLU A 69 6.77 -15.98 2.29
CA GLU A 69 6.06 -14.74 2.00
C GLU A 69 6.77 -13.77 1.07
N ARG A 70 6.07 -13.41 0.01
CA ARG A 70 6.52 -12.35 -0.88
C ARG A 70 5.62 -11.21 -0.43
N VAL A 71 6.25 -10.10 -0.05
CA VAL A 71 5.55 -8.89 0.31
C VAL A 71 5.35 -8.09 -0.95
N LEU A 72 4.09 -7.77 -1.26
CA LEU A 72 3.77 -6.98 -2.42
C LEU A 72 4.01 -5.51 -2.17
N GLY A 73 3.75 -5.06 -0.95
CA GLY A 73 3.96 -3.67 -0.60
C GLY A 73 3.16 -3.24 0.61
N ASP A 74 3.31 -1.98 0.95
CA ASP A 74 2.59 -1.41 2.08
C ASP A 74 1.57 -0.41 1.58
N ILE A 75 0.56 -0.16 2.40
CA ILE A 75 -0.47 0.82 2.08
C ILE A 75 -0.60 1.73 3.29
N TYR A 76 -0.34 3.01 3.07
CA TYR A 76 -0.47 4.05 4.11
C TYR A 76 -1.86 4.71 4.05
N ALA A 77 -2.44 5.01 5.21
CA ALA A 77 -3.71 5.72 5.24
C ALA A 77 -3.49 7.12 4.62
N PRO A 78 -4.51 7.66 3.91
CA PRO A 78 -5.79 7.06 3.58
C PRO A 78 -5.61 6.12 2.40
N GLY A 79 -6.04 4.88 2.53
CA GLY A 79 -5.89 3.92 1.47
C GLY A 79 -7.01 2.92 1.47
N VAL A 80 -6.83 1.89 0.65
CA VAL A 80 -7.84 0.85 0.52
CA VAL A 80 -7.85 0.88 0.41
C VAL A 80 -7.24 -0.49 0.20
N VAL A 81 -7.88 -1.54 0.70
CA VAL A 81 -7.49 -2.92 0.37
C VAL A 81 -8.76 -3.70 0.02
N GLY A 82 -8.61 -4.68 -0.87
CA GLY A 82 -9.71 -5.54 -1.30
C GLY A 82 -10.55 -5.01 -2.44
N GLU A 83 -10.13 -3.91 -3.04
CA GLU A 83 -10.88 -3.28 -4.13
C GLU A 83 -10.73 -3.94 -5.52
N THR A 84 -9.67 -4.73 -5.73
CA THR A 84 -9.42 -5.36 -7.04
C THR A 84 -10.33 -6.60 -7.21
N ALA A 85 -11.21 -6.88 -6.23
CA ALA A 85 -12.11 -8.07 -6.21
C ALA A 85 -13.55 -7.85 -6.68
N VAL A 86 -14.08 -6.65 -6.50
CA VAL A 86 -15.42 -6.36 -6.98
C VAL A 86 -15.43 -6.37 -8.53
N LEU A 87 -14.24 -6.30 -9.14
CA LEU A 87 -14.07 -6.23 -10.59
C LEU A 87 -13.41 -7.47 -11.18
N ALA A 88 -12.46 -8.05 -10.47
CA ALA A 88 -11.87 -9.30 -10.88
C ALA A 88 -12.48 -10.31 -9.92
N HIS A 89 -13.31 -11.22 -10.44
CA HIS A 89 -13.93 -12.27 -9.61
C HIS A 89 -12.85 -13.28 -9.18
N GLN A 90 -11.67 -13.13 -9.78
CA GLN A 90 -10.48 -13.94 -9.48
C GLN A 90 -10.10 -13.77 -8.03
N GLU A 91 -9.80 -14.89 -7.36
CA GLU A 91 -9.44 -14.83 -5.94
C GLU A 91 -8.10 -15.52 -5.68
N ARG A 92 -7.31 -14.94 -4.78
CA ARG A 92 -5.99 -15.44 -4.41
C ARG A 92 -5.65 -15.21 -2.95
N SER A 93 -4.83 -16.10 -2.41
CA SER A 93 -4.43 -16.05 -1.00
C SER A 93 -3.55 -14.85 -0.63
N ALA A 94 -4.18 -13.68 -0.48
CA ALA A 94 -3.48 -12.46 -0.07
C ALA A 94 -3.64 -12.30 1.45
N SER A 95 -2.66 -11.67 2.08
CA SER A 95 -2.69 -11.43 3.50
C SER A 95 -2.47 -9.94 3.68
N VAL A 96 -3.24 -9.30 4.56
CA VAL A 96 -3.07 -7.87 4.85
C VAL A 96 -2.90 -7.77 6.37
N ARG A 97 -1.72 -7.33 6.79
CA ARG A 97 -1.38 -7.24 8.23
C ARG A 97 -1.12 -5.82 8.69
N ALA A 98 -1.69 -5.44 9.83
CA ALA A 98 -1.44 -4.11 10.35
C ALA A 98 0.00 -4.00 10.86
N LEU A 99 0.71 -2.96 10.43
CA LEU A 99 2.08 -2.67 10.88
C LEU A 99 2.10 -1.73 12.09
N THR A 100 1.02 -0.97 12.24
CA THR A 100 0.79 0.00 13.32
C THR A 100 -0.65 -0.19 13.77
N PRO A 101 -1.12 0.56 14.79
CA PRO A 101 -2.54 0.51 15.01
C PRO A 101 -3.24 1.00 13.72
N VAL A 102 -4.35 0.37 13.35
CA VAL A 102 -5.06 0.72 12.12
C VAL A 102 -6.56 0.71 12.32
N ARG A 103 -7.21 1.78 11.91
CA ARG A 103 -8.64 1.88 11.92
C ARG A 103 -9.15 1.75 10.49
N THR A 104 -10.10 0.86 10.28
CA THR A 104 -10.68 0.73 8.94
C THR A 104 -12.19 0.85 8.98
N LEU A 105 -12.75 1.10 7.81
CA LEU A 105 -14.18 1.06 7.55
C LEU A 105 -14.33 -0.07 6.54
N LEU A 107 -16.52 -2.48 4.10
CA LEU A 107 -17.66 -2.43 3.18
C LEU A 107 -17.77 -3.82 2.49
N HIS A 108 -18.93 -4.47 2.59
CA HIS A 108 -19.13 -5.75 1.90
C HIS A 108 -19.21 -5.58 0.39
N ARG A 109 -18.75 -6.61 -0.32
CA ARG A 109 -18.68 -6.56 -1.77
C ARG A 109 -19.98 -6.10 -2.45
N GLU A 110 -21.10 -6.66 -2.02
CA GLU A 110 -22.39 -6.34 -2.62
C GLU A 110 -22.74 -4.87 -2.48
N HIS A 111 -22.36 -4.26 -1.35
CA HIS A 111 -22.62 -2.85 -1.14
C HIS A 111 -21.69 -1.98 -1.97
N PHE A 112 -20.43 -2.38 -2.08
CA PHE A 112 -19.47 -1.62 -2.89
C PHE A 112 -19.89 -1.65 -4.37
N GLU A 113 -20.39 -2.80 -4.82
CA GLU A 113 -20.88 -2.94 -6.20
C GLU A 113 -22.05 -1.96 -6.44
N LEU A 114 -22.97 -1.89 -5.49
CA LEU A 114 -24.10 -0.98 -5.62
C LEU A 114 -23.67 0.49 -5.75
N ILE A 115 -22.71 0.88 -4.91
CA ILE A 115 -22.21 2.26 -4.91
CA ILE A 115 -22.20 2.26 -4.91
C ILE A 115 -21.55 2.57 -6.25
N LEU A 116 -20.77 1.62 -6.77
CA LEU A 116 -20.09 1.79 -8.05
C LEU A 116 -21.10 1.94 -9.20
N ARG A 117 -22.14 1.11 -9.20
CA ARG A 117 -23.17 1.17 -10.25
C ARG A 117 -23.99 2.47 -10.18
N ARG A 118 -24.30 2.92 -8.97
CA ARG A 118 -25.09 4.13 -8.76
C ARG A 118 -24.32 5.44 -8.89
N HIS A 119 -23.02 5.42 -8.61
CA HIS A 119 -22.23 6.65 -8.60
C HIS A 119 -20.97 6.51 -9.44
N PRO A 120 -21.07 6.80 -10.74
CA PRO A 120 -19.96 6.67 -11.71
C PRO A 120 -18.68 7.39 -11.32
N ARG A 121 -18.76 8.46 -10.53
CA ARG A 121 -17.52 9.16 -10.12
C ARG A 121 -16.65 8.29 -9.19
N VAL A 122 -17.29 7.46 -8.37
CA VAL A 122 -16.56 6.54 -7.49
C VAL A 122 -15.89 5.47 -8.38
N LEU A 123 -16.62 5.00 -9.39
CA LEU A 123 -16.07 4.01 -10.34
C LEU A 123 -14.90 4.58 -11.12
N TRP A 124 -14.99 5.85 -11.51
CA TRP A 124 -13.88 6.52 -12.18
C TRP A 124 -12.65 6.56 -11.27
N ASN A 125 -12.86 6.88 -9.99
CA ASN A 125 -11.75 6.88 -9.03
C ASN A 125 -11.09 5.50 -8.94
N LEU A 126 -11.90 4.46 -8.86
CA LEU A 126 -11.37 3.10 -8.83
C LEU A 126 -10.56 2.77 -10.09
N ALA A 127 -11.07 3.14 -11.27
CA ALA A 127 -10.37 2.84 -12.52
C ALA A 127 -9.01 3.55 -12.57
N GLU A 128 -8.95 4.79 -12.07
CA GLU A 128 -7.70 5.53 -12.00
C GLU A 128 -6.70 4.86 -11.09
N LEU A 130 -6.59 1.67 -10.24
CA LEU A 130 -6.18 0.42 -10.90
C LEU A 130 -5.18 0.66 -12.03
N ALA A 131 -5.40 1.73 -12.82
CA ALA A 131 -4.51 2.12 -13.93
C ALA A 131 -3.12 2.51 -13.39
N ARG A 132 -3.10 3.27 -12.31
CA ARG A 132 -1.84 3.59 -11.64
C ARG A 132 -1.13 2.36 -11.10
N ARG A 133 -1.89 1.39 -10.60
CA ARG A 133 -1.32 0.15 -10.08
C ARG A 133 -0.72 -0.68 -11.22
N VAL A 134 -1.39 -0.71 -12.37
CA VAL A 134 -0.83 -1.40 -13.54
C VAL A 134 0.48 -0.78 -13.99
N THR A 135 0.54 0.53 -14.01
CA THR A 135 1.72 1.25 -14.45
C THR A 135 2.88 0.95 -13.48
N PHE A 136 2.56 1.01 -12.19
CA PHE A 136 3.51 0.71 -11.13
C PHE A 136 4.06 -0.73 -11.24
N LEU A 137 3.19 -1.69 -11.42
CA LEU A 137 3.61 -3.10 -11.51
C LEU A 137 4.44 -3.37 -12.76
N ASN A 138 4.15 -2.67 -13.85
CA ASN A 138 4.98 -2.81 -15.07
C ASN A 138 6.38 -2.23 -14.77
N ASP A 139 6.44 -1.08 -14.10
CA ASP A 139 7.70 -0.50 -13.67
C ASP A 139 8.45 -1.46 -12.76
N GLU A 140 7.74 -2.08 -11.83
CA GLU A 140 8.35 -3.06 -10.91
C GLU A 140 8.95 -4.27 -11.63
N LEU A 141 8.21 -4.81 -12.59
CA LEU A 141 8.68 -5.95 -13.38
C LEU A 141 9.92 -5.58 -14.18
N ILE A 142 9.94 -4.37 -14.73
CA ILE A 142 11.10 -3.88 -15.50
C ILE A 142 12.31 -3.76 -14.57
N ALA A 143 12.11 -3.13 -13.41
CA ALA A 143 13.19 -2.95 -12.44
C ALA A 143 13.76 -4.27 -11.92
N PHE A 144 12.89 -5.17 -11.49
CA PHE A 144 13.30 -6.42 -10.88
C PHE A 144 13.95 -7.37 -11.88
N GLY A 145 13.61 -7.22 -13.15
CA GLY A 145 14.19 -8.02 -14.21
C GLY A 145 15.57 -7.52 -14.64
N GLN A 146 15.90 -6.28 -14.30
CA GLN A 146 17.20 -5.67 -14.62
C GLN A 146 18.31 -6.17 -13.69
N ASN A 147 18.34 -5.67 -12.46
CA ASN A 147 19.36 -6.03 -11.47
C ASN A 147 18.95 -5.52 -10.08
N THR A 148 19.65 -5.96 -9.04
CA THR A 148 19.28 -5.59 -7.69
C THR A 148 19.36 -4.09 -7.47
N GLU A 149 20.32 -3.45 -8.14
CA GLU A 149 20.44 -2.00 -8.10
C GLU A 149 19.14 -1.33 -8.58
N ALA A 150 18.63 -1.74 -9.73
CA ALA A 150 17.39 -1.18 -10.24
C ALA A 150 16.21 -1.50 -9.31
N ALA A 151 16.21 -2.73 -8.80
CA ALA A 151 15.17 -3.16 -7.87
C ALA A 151 15.11 -2.29 -6.63
N LEU A 152 16.27 -1.99 -6.04
CA LEU A 152 16.30 -1.18 -4.82
C LEU A 152 15.92 0.26 -5.06
N THR A 153 16.35 0.82 -6.19
CA THR A 153 15.99 2.18 -6.54
C THR A 153 14.46 2.31 -6.65
N HIS A 154 13.86 1.32 -7.32
CA HIS A 154 12.41 1.27 -7.52
C HIS A 154 11.67 1.22 -6.19
N VAL A 155 12.09 0.30 -5.32
CA VAL A 155 11.48 0.12 -4.01
C VAL A 155 11.66 1.37 -3.14
N PHE A 156 12.89 1.85 -3.02
CA PHE A 156 13.15 3.01 -2.16
C PHE A 156 12.48 4.31 -2.62
N ALA A 157 12.60 4.64 -3.90
CA ALA A 157 11.99 5.88 -4.41
C ALA A 157 10.47 5.87 -4.22
N ASN A 158 9.83 4.78 -4.56
CA ASN A 158 8.40 4.66 -4.42
C ASN A 158 7.90 4.63 -2.98
N LEU A 159 8.60 3.92 -2.07
CA LEU A 159 8.24 3.94 -0.65
C LEU A 159 8.42 5.35 -0.06
N TYR A 160 9.50 6.03 -0.42
CA TYR A 160 9.66 7.43 0.00
C TYR A 160 8.46 8.31 -0.43
N ARG A 161 8.07 8.23 -1.69
CA ARG A 161 6.92 8.97 -2.18
C ARG A 161 5.63 8.66 -1.45
N GLN A 162 5.41 7.41 -1.12
CA GLN A 162 4.27 6.99 -0.32
C GLN A 162 4.28 7.63 1.08
N ARG A 163 5.46 7.65 1.69
CA ARG A 163 5.65 8.23 3.03
C ARG A 163 5.46 9.76 2.99
N LEU A 164 5.91 10.40 1.92
CA LEU A 164 5.69 11.84 1.74
C LEU A 164 4.19 12.10 1.63
N ALA A 165 3.52 11.30 0.80
CA ALA A 165 2.08 11.44 0.56
C ALA A 165 1.26 11.21 1.83
N ALA A 166 1.72 10.30 2.69
CA ALA A 166 1.03 9.97 3.93
C ALA A 166 1.23 11.00 5.04
N GLY A 167 2.20 11.89 4.87
CA GLY A 167 2.51 12.92 5.84
C GLY A 167 3.11 12.44 7.13
N VAL A 168 3.69 11.23 7.09
CA VAL A 168 4.30 10.66 8.27
C VAL A 168 5.58 11.42 8.64
N PRO A 169 5.98 11.35 9.92
CA PRO A 169 7.25 11.96 10.31
C PRO A 169 8.44 11.23 9.65
N GLN A 170 9.56 11.90 9.49
CA GLN A 170 10.78 11.31 8.90
CA GLN A 170 10.78 11.29 8.90
C GLN A 170 10.49 10.36 7.72
N PRO A 171 9.88 10.89 6.66
CA PRO A 171 9.58 10.02 5.51
C PRO A 171 10.82 9.40 4.86
N GLU A 172 11.93 10.12 4.89
CA GLU A 172 13.21 9.68 4.34
C GLU A 172 13.82 8.49 5.09
N VAL A 173 13.33 8.19 6.28
CA VAL A 173 13.79 7.05 7.09
C VAL A 173 12.84 5.88 6.78
N LEU A 174 13.27 5.09 5.81
CA LEU A 174 12.50 3.97 5.29
C LEU A 174 12.64 2.81 6.28
N PRO A 175 11.51 2.32 6.84
CA PRO A 175 11.53 1.26 7.85
C PRO A 175 11.72 -0.13 7.25
N LEU A 176 12.86 -0.36 6.61
CA LEU A 176 13.19 -1.64 6.00
C LEU A 176 14.56 -2.11 6.48
N GLY A 177 14.62 -3.37 6.91
CA GLY A 177 15.90 -4.01 7.23
C GLY A 177 16.28 -4.89 6.05
N THR A 178 17.42 -5.57 6.12
CA THR A 178 17.86 -6.43 5.00
C THR A 178 16.83 -7.53 4.65
N GLN A 179 16.25 -8.14 5.69
CA GLN A 179 15.23 -9.18 5.48
C GLN A 179 14.02 -8.59 4.76
N ASP A 180 13.59 -7.40 5.16
CA ASP A 180 12.45 -6.76 4.51
C ASP A 180 12.72 -6.54 3.03
N ILE A 181 13.91 -6.04 2.72
CA ILE A 181 14.31 -5.78 1.35
C ILE A 181 14.33 -7.07 0.53
N ALA A 183 12.58 -9.81 1.12
CA ALA A 183 11.20 -10.29 0.96
C ALA A 183 10.38 -9.47 -0.03
N ARG A 184 10.72 -8.20 -0.17
CA ARG A 184 10.03 -7.27 -1.05
C ARG A 184 10.52 -7.42 -2.49
N THR A 185 11.76 -7.86 -2.66
CA THR A 185 12.38 -7.92 -4.00
C THR A 185 12.80 -9.28 -4.48
N SER A 186 12.73 -10.28 -3.61
CA SER A 186 13.24 -11.62 -3.93
C SER A 186 14.72 -11.61 -4.32
N SER A 187 15.51 -10.79 -3.66
CA SER A 187 16.95 -10.72 -3.95
C SER A 187 17.70 -11.40 -2.82
N SER A 188 18.90 -11.91 -3.11
CA SER A 188 19.74 -12.56 -2.10
C SER A 188 20.38 -11.58 -1.12
N ARG A 189 20.72 -12.08 0.05
CA ARG A 189 21.41 -11.27 1.03
C ARG A 189 22.71 -10.73 0.47
N GLU A 190 23.45 -11.58 -0.22
CA GLU A 190 24.73 -11.14 -0.80
C GLU A 190 24.60 -9.95 -1.74
N THR A 191 23.64 -10.01 -2.68
CA THR A 191 23.46 -8.93 -3.65
CA THR A 191 23.43 -8.95 -3.65
C THR A 191 22.85 -7.68 -2.99
N VAL A 192 21.92 -7.85 -2.06
CA VAL A 192 21.32 -6.69 -1.34
C VAL A 192 22.44 -5.98 -0.56
N SER A 193 23.23 -6.76 0.19
CA SER A 193 24.35 -6.19 0.93
C SER A 193 25.34 -5.42 0.05
N ARG A 194 25.73 -6.02 -1.05
CA ARG A 194 26.66 -5.39 -1.99
C ARG A 194 26.12 -4.06 -2.49
N VAL A 195 24.86 -4.07 -2.93
CA VAL A 195 24.24 -2.85 -3.46
C VAL A 195 24.11 -1.77 -2.41
N LEU A 196 23.63 -2.10 -1.20
CA LEU A 196 23.49 -1.12 -0.11
C LEU A 196 24.83 -0.49 0.29
N LYS A 197 25.89 -1.29 0.35
CA LYS A 197 27.21 -0.74 0.68
C LYS A 197 27.71 0.24 -0.37
N ARG A 198 27.49 -0.05 -1.65
CA ARG A 198 27.91 0.86 -2.72
C ARG A 198 27.09 2.16 -2.68
N LEU A 199 25.80 2.09 -2.34
CA LEU A 199 24.96 3.29 -2.23
C LEU A 199 25.34 4.11 -1.01
N GLU A 200 25.72 3.43 0.07
CA GLU A 200 26.17 4.13 1.26
C GLU A 200 27.53 4.79 0.97
N ALA A 201 28.36 4.11 0.17
CA ALA A 201 29.68 4.64 -0.21
C ALA A 201 29.56 5.90 -1.09
N HIS A 202 28.47 5.99 -1.87
CA HIS A 202 28.25 7.16 -2.72
C HIS A 202 27.43 8.25 -2.03
N ASN A 203 27.24 8.13 -0.72
CA ASN A 203 26.47 9.09 0.06
C ASN A 203 25.01 9.25 -0.38
N ILE A 204 24.45 8.20 -0.98
CA ILE A 204 23.06 8.20 -1.42
C ILE A 204 22.12 7.84 -0.27
N LEU A 205 22.57 6.97 0.63
CA LEU A 205 21.78 6.56 1.77
C LEU A 205 22.64 6.10 2.96
N GLU A 206 21.97 5.92 4.10
CA GLU A 206 22.58 5.41 5.33
C GLU A 206 21.81 4.17 5.76
N VAL A 207 22.53 3.08 5.97
CA VAL A 207 21.94 1.80 6.33
C VAL A 207 22.10 1.47 7.81
N SER A 208 20.97 1.26 8.47
CA SER A 208 20.90 0.86 9.87
C SER A 208 20.25 -0.51 9.88
N PRO A 209 20.32 -1.23 11.00
CA PRO A 209 19.71 -2.56 11.01
C PRO A 209 18.21 -2.60 10.74
N ARG A 210 17.48 -1.55 11.08
CA ARG A 210 16.01 -1.54 10.89
C ARG A 210 15.52 -0.44 9.94
N SER A 211 16.44 0.25 9.28
CA SER A 211 16.05 1.29 8.36
C SER A 211 17.12 1.67 7.34
N VAL A 212 16.66 2.31 6.28
CA VAL A 212 17.50 2.85 5.26
C VAL A 212 17.07 4.31 5.18
N THR A 213 18.01 5.21 5.42
CA THR A 213 17.74 6.65 5.38
C THR A 213 18.23 7.18 4.05
N LEU A 214 17.27 7.71 3.28
CA LEU A 214 17.56 8.28 1.99
CA LEU A 214 17.58 8.29 1.97
C LEU A 214 18.13 9.68 2.18
N LEU A 215 19.33 9.91 1.66
CA LEU A 215 19.98 11.21 1.74
C LEU A 215 19.83 12.00 0.45
N ASP A 216 19.86 11.31 -0.69
CA ASP A 216 19.80 11.97 -2.00
C ASP A 216 18.95 11.16 -3.00
N LEU A 217 17.66 11.47 -3.06
CA LEU A 217 16.71 10.79 -3.95
C LEU A 217 17.11 10.94 -5.41
N ALA A 218 17.40 12.18 -5.80
CA ALA A 218 17.80 12.49 -7.17
C ALA A 218 19.00 11.68 -7.60
N ALA A 219 19.99 11.55 -6.72
CA ALA A 219 21.19 10.75 -7.01
C ALA A 219 20.87 9.27 -7.16
N LEU A 220 19.95 8.77 -6.32
CA LEU A 220 19.52 7.36 -6.38
C LEU A 220 18.87 7.07 -7.72
N GLU A 221 17.90 7.91 -8.10
CA GLU A 221 17.19 7.76 -9.36
C GLU A 221 18.02 8.07 -10.59
N ALA A 222 18.95 9.01 -10.46
CA ALA A 222 19.84 9.36 -11.57
C ALA A 222 20.77 8.19 -11.87
N LEU A 223 21.39 7.66 -10.80
CA LEU A 223 22.32 6.54 -10.90
C LEU A 223 21.58 5.30 -11.41
N SER A 224 21.36 5.25 -12.73
CA SER A 224 20.66 4.15 -13.38
C SER A 224 21.14 3.99 -14.82
#